data_5J6P
#
_entry.id   5J6P
#
_cell.length_a   120.568
_cell.length_b   120.568
_cell.length_c   73.702
_cell.angle_alpha   90.00
_cell.angle_beta   90.00
_cell.angle_gamma   120.00
#
_symmetry.space_group_name_H-M   'P 31 1 2'
#
loop_
_entity.id
_entity.type
_entity.pdbx_description
1 polymer 'Kinetochore protein mis18'
2 non-polymer 'ZINC ION'
3 water water
#
_entity_poly.entity_id   1
_entity_poly.type   'polypeptide(L)'
_entity_poly.pdbx_seq_one_letter_code
;ESQPSVFQCKKCFQIVGDSNAWVISHREYLSFTLSDAVENSVRVEDTFKRSDDGLCVYSELSCTRCNEVIGKVYNSTPIY
LDDIRDMYTFSMDKLQAYQLGNLEHHHHHH
;
_entity_poly.pdbx_strand_id   B,A,C
#
# COMPACT_ATOMS: atom_id res chain seq x y z
N GLU A 1 -8.58 -2.48 -20.58
CA GLU A 1 -8.62 -1.68 -21.86
C GLU A 1 -8.16 -0.23 -21.63
N SER A 2 -6.90 -0.09 -21.19
CA SER A 2 -6.21 1.21 -21.03
C SER A 2 -6.88 2.24 -20.07
N GLN A 3 -7.94 1.81 -19.38
CA GLN A 3 -8.75 2.70 -18.56
C GLN A 3 -8.45 2.42 -17.09
N PRO A 4 -8.21 3.48 -16.28
CA PRO A 4 -7.92 3.30 -14.84
C PRO A 4 -8.97 2.53 -14.03
N SER A 5 -8.53 1.94 -12.92
CA SER A 5 -9.42 1.54 -11.83
C SER A 5 -9.27 2.39 -10.56
N VAL A 6 -10.32 2.34 -9.74
CA VAL A 6 -10.31 2.98 -8.41
C VAL A 6 -10.56 1.90 -7.38
N PHE A 7 -10.01 2.10 -6.17
CA PHE A 7 -10.02 1.04 -5.15
C PHE A 7 -10.74 1.47 -3.92
N GLN A 8 -11.57 0.57 -3.40
CA GLN A 8 -12.32 0.82 -2.16
C GLN A 8 -12.36 -0.32 -1.16
N CYS A 9 -12.42 0.01 0.12
CA CYS A 9 -12.64 -1.00 1.15
C CYS A 9 -14.02 -1.65 0.98
N LYS A 10 -14.02 -2.96 0.73
CA LYS A 10 -15.26 -3.72 0.51
C LYS A 10 -16.36 -3.44 1.51
N LYS A 11 -15.96 -3.07 2.73
CA LYS A 11 -16.91 -2.99 3.81
C LYS A 11 -17.65 -1.66 3.83
N CYS A 12 -16.93 -0.56 3.73
CA CYS A 12 -17.56 0.76 3.78
C CYS A 12 -17.55 1.51 2.45
N PHE A 13 -16.74 1.05 1.49
CA PHE A 13 -16.63 1.72 0.19
C PHE A 13 -15.78 3.01 0.19
N GLN A 14 -15.00 3.23 1.23
CA GLN A 14 -14.08 4.32 1.18
C GLN A 14 -13.04 4.07 0.09
N ILE A 15 -12.80 5.08 -0.73
CA ILE A 15 -11.78 4.97 -1.75
C ILE A 15 -10.44 5.17 -1.08
N VAL A 16 -9.53 4.22 -1.29
CA VAL A 16 -8.18 4.27 -0.71
C VAL A 16 -7.09 4.65 -1.72
N GLY A 17 -7.31 4.35 -3.00
CA GLY A 17 -6.49 4.91 -4.05
C GLY A 17 -6.94 4.47 -5.42
N ASP A 18 -6.05 4.60 -6.40
CA ASP A 18 -6.34 4.23 -7.79
C ASP A 18 -5.16 3.61 -8.47
N SER A 19 -5.39 3.19 -9.71
CA SER A 19 -4.36 2.53 -10.53
C SER A 19 -3.18 3.38 -10.84
N ASN A 20 -3.33 4.69 -10.84
CA ASN A 20 -2.24 5.55 -11.26
C ASN A 20 -1.02 5.58 -10.36
N ALA A 21 -1.21 5.31 -9.06
CA ALA A 21 -0.09 5.03 -8.15
C ALA A 21 0.36 3.55 -8.09
N TRP A 22 -0.01 2.73 -9.08
CA TRP A 22 0.36 1.32 -9.09
C TRP A 22 1.87 1.13 -9.20
N VAL A 23 2.32 0.00 -8.65
CA VAL A 23 3.73 -0.33 -8.51
C VAL A 23 3.95 -1.74 -9.03
N ILE A 24 3.34 -2.71 -8.35
CA ILE A 24 3.52 -4.13 -8.65
C ILE A 24 2.37 -4.87 -7.99
N SER A 25 2.17 -6.16 -8.29
CA SER A 25 1.28 -7.04 -7.50
C SER A 25 1.63 -8.53 -7.59
N HIS A 26 1.08 -9.34 -6.66
CA HIS A 26 1.52 -10.74 -6.41
C HIS A 26 0.37 -11.73 -6.28
N ARG A 27 0.23 -12.56 -7.29
CA ARG A 27 -0.90 -13.46 -7.35
C ARG A 27 -0.87 -14.46 -6.19
N GLU A 28 0.32 -14.85 -5.77
CA GLU A 28 0.49 -15.96 -4.81
C GLU A 28 0.10 -15.45 -3.42
N TYR A 29 0.26 -14.14 -3.18
CA TYR A 29 -0.24 -13.50 -1.95
C TYR A 29 -1.64 -12.82 -2.08
N LEU A 30 -2.27 -12.94 -3.26
CA LEU A 30 -3.57 -12.34 -3.52
C LEU A 30 -3.57 -10.91 -2.99
N SER A 31 -2.54 -10.15 -3.39
CA SER A 31 -2.24 -8.79 -2.93
C SER A 31 -1.85 -7.87 -4.10
N PHE A 32 -1.83 -6.55 -3.86
CA PHE A 32 -1.29 -5.59 -4.85
C PHE A 32 -0.76 -4.34 -4.15
N THR A 33 0.07 -3.56 -4.82
CA THR A 33 0.90 -2.64 -4.08
C THR A 33 0.95 -1.29 -4.78
N LEU A 34 0.86 -0.22 -3.99
CA LEU A 34 0.65 1.12 -4.48
C LEU A 34 1.62 2.02 -3.76
N SER A 35 2.05 3.06 -4.44
CA SER A 35 3.01 4.02 -3.94
C SER A 35 2.33 5.19 -3.29
N ASP A 36 1.01 5.24 -3.40
CA ASP A 36 0.26 6.28 -2.72
C ASP A 36 -1.16 5.86 -2.40
N ALA A 37 -1.70 6.49 -1.35
CA ALA A 37 -3.11 6.34 -1.03
C ALA A 37 -3.68 7.62 -0.53
N VAL A 38 -4.98 7.70 -0.55
CA VAL A 38 -5.68 8.88 -0.06
C VAL A 38 -5.29 9.21 1.37
N GLU A 39 -5.07 10.48 1.64
CA GLU A 39 -4.37 10.86 2.87
C GLU A 39 -5.01 10.28 4.12
N ASN A 40 -6.24 10.65 4.40
CA ASN A 40 -6.78 10.14 5.64
C ASN A 40 -7.53 8.80 5.51
N SER A 41 -7.38 8.09 4.38
CA SER A 41 -8.10 6.83 4.21
C SER A 41 -7.59 5.64 5.02
N VAL A 42 -6.42 5.74 5.63
CA VAL A 42 -5.68 4.55 6.01
C VAL A 42 -4.80 4.82 7.22
N ARG A 43 -4.76 3.85 8.14
CA ARG A 43 -4.00 3.94 9.41
C ARG A 43 -2.98 2.81 9.47
N VAL A 44 -1.74 3.12 9.86
CA VAL A 44 -0.69 2.10 10.06
C VAL A 44 -0.72 1.74 11.54
N GLU A 45 -0.96 0.49 11.89
CA GLU A 45 -0.98 0.08 13.30
C GLU A 45 0.46 -0.12 13.82
N ASP A 46 0.75 0.30 15.05
CA ASP A 46 2.17 0.34 15.57
C ASP A 46 2.82 -1.00 16.03
N THR A 47 2.06 -2.09 16.13
CA THR A 47 2.63 -3.44 16.13
C THR A 47 3.36 -3.71 14.79
N PHE A 48 4.48 -4.44 14.87
CA PHE A 48 5.36 -4.81 13.75
C PHE A 48 5.41 -6.32 13.72
N LYS A 49 5.17 -6.95 12.58
CA LYS A 49 4.93 -8.40 12.55
C LYS A 49 5.76 -9.00 11.43
N ARG A 50 5.71 -10.33 11.28
CA ARG A 50 6.59 -11.05 10.40
C ARG A 50 5.83 -11.86 9.39
N SER A 51 6.29 -11.82 8.15
CA SER A 51 5.76 -12.68 7.10
C SER A 51 5.79 -14.12 7.58
N ASP A 52 5.02 -15.00 6.92
CA ASP A 52 4.97 -16.42 7.33
C ASP A 52 6.32 -17.09 7.23
N ASP A 53 7.05 -16.72 6.18
CA ASP A 53 8.44 -17.12 5.97
C ASP A 53 9.49 -16.29 6.75
N GLY A 54 9.19 -15.81 7.95
CA GLY A 54 10.17 -15.09 8.78
C GLY A 54 10.92 -13.90 8.17
N LEU A 55 10.72 -13.60 6.90
CA LEU A 55 11.68 -12.80 6.14
C LEU A 55 11.48 -11.28 6.17
N CYS A 56 10.22 -10.81 6.13
CA CYS A 56 9.97 -9.37 6.14
C CYS A 56 9.28 -8.92 7.39
N VAL A 57 9.25 -7.61 7.56
CA VAL A 57 8.53 -6.99 8.67
C VAL A 57 7.54 -5.92 8.17
N TYR A 58 6.28 -6.11 8.56
CA TYR A 58 5.19 -5.23 8.17
C TYR A 58 4.35 -4.81 9.35
N SER A 59 3.77 -3.63 9.21
CA SER A 59 2.72 -3.14 10.08
C SER A 59 1.40 -3.25 9.32
N GLU A 60 0.33 -3.62 10.01
CA GLU A 60 -1.00 -3.71 9.42
C GLU A 60 -1.59 -2.35 8.98
N LEU A 61 -2.30 -2.33 7.82
CA LEU A 61 -3.07 -1.16 7.36
C LEU A 61 -4.57 -1.35 7.59
N SER A 62 -5.19 -0.35 8.22
CA SER A 62 -6.64 -0.31 8.55
C SER A 62 -7.40 0.82 7.81
N CYS A 63 -8.66 0.58 7.45
CA CYS A 63 -9.50 1.60 6.85
C CYS A 63 -10.04 2.54 7.93
N THR A 64 -9.50 3.75 7.97
CA THR A 64 -9.86 4.75 9.01
C THR A 64 -11.33 4.88 9.30
N ARG A 65 -12.19 4.60 8.32
CA ARG A 65 -13.62 4.58 8.54
C ARG A 65 -14.17 3.29 9.17
N CYS A 66 -13.92 2.14 8.54
CA CYS A 66 -14.53 0.89 8.98
C CYS A 66 -13.59 0.03 9.82
N ASN A 67 -12.43 0.58 10.16
CA ASN A 67 -11.45 -0.17 11.00
C ASN A 67 -11.01 -1.56 10.50
N GLU A 68 -11.36 -1.95 9.30
CA GLU A 68 -11.01 -3.24 8.81
C GLU A 68 -9.53 -3.24 8.43
N VAL A 69 -8.89 -4.38 8.66
CA VAL A 69 -7.54 -4.60 8.26
C VAL A 69 -7.64 -5.01 6.80
N ILE A 70 -7.03 -4.18 5.97
CA ILE A 70 -7.14 -4.27 4.50
C ILE A 70 -5.80 -4.42 3.82
N GLY A 71 -4.70 -4.37 4.57
CA GLY A 71 -3.39 -4.44 3.94
C GLY A 71 -2.24 -4.41 4.93
N LYS A 72 -1.12 -3.88 4.45
CA LYS A 72 0.10 -3.77 5.25
C LYS A 72 1.15 -2.91 4.60
N VAL A 73 2.04 -2.40 5.44
CA VAL A 73 3.24 -1.73 4.95
C VAL A 73 4.41 -2.55 5.38
N TYR A 74 5.12 -3.12 4.40
CA TYR A 74 6.41 -3.77 4.71
C TYR A 74 7.45 -2.70 5.03
N ASN A 75 7.94 -2.73 6.28
CA ASN A 75 8.92 -1.77 6.80
C ASN A 75 10.36 -2.24 6.55
N SER A 76 10.56 -3.57 6.60
CA SER A 76 11.86 -4.20 6.42
C SER A 76 11.75 -5.34 5.48
N THR A 77 12.61 -5.31 4.48
CA THR A 77 12.65 -6.33 3.45
C THR A 77 14.09 -6.72 3.12
N PRO A 78 14.23 -7.87 2.42
CA PRO A 78 15.44 -8.22 1.67
C PRO A 78 15.62 -7.27 0.49
N ILE A 79 16.61 -7.51 -0.35
CA ILE A 79 16.82 -6.70 -1.58
C ILE A 79 15.70 -6.79 -2.54
N TYR A 80 15.21 -8.01 -2.72
CA TYR A 80 14.34 -8.30 -3.84
C TYR A 80 12.95 -7.65 -3.66
N LEU A 81 12.47 -7.64 -2.41
CA LEU A 81 11.24 -6.94 -2.05
C LEU A 81 11.39 -5.44 -1.73
N ASP A 82 12.49 -4.79 -2.13
CA ASP A 82 12.63 -3.34 -1.90
C ASP A 82 11.60 -2.48 -2.64
N ASP A 83 10.90 -3.06 -3.62
CA ASP A 83 9.72 -2.40 -4.28
C ASP A 83 8.57 -2.14 -3.32
N ILE A 84 8.28 -3.15 -2.51
CA ILE A 84 7.20 -3.16 -1.56
C ILE A 84 7.43 -2.18 -0.42
N ARG A 85 8.69 -1.96 -0.07
CA ARG A 85 9.04 -1.41 1.21
C ARG A 85 8.63 0.03 1.27
N ASP A 86 8.04 0.42 2.40
CA ASP A 86 7.42 1.70 2.64
C ASP A 86 6.40 2.13 1.57
N MET A 87 5.66 1.12 1.10
CA MET A 87 4.58 1.30 0.14
C MET A 87 3.36 0.55 0.65
N TYR A 88 2.21 0.98 0.13
CA TYR A 88 0.90 0.47 0.54
C TYR A 88 0.58 -0.82 -0.18
N THR A 89 0.60 -1.92 0.56
CA THR A 89 0.34 -3.24 0.01
C THR A 89 -1.02 -3.74 0.47
N PHE A 90 -1.97 -3.70 -0.45
CA PHE A 90 -3.36 -4.05 -0.21
C PHE A 90 -3.75 -5.49 -0.48
N SER A 91 -4.70 -5.95 0.30
CA SER A 91 -5.22 -7.30 0.27
C SER A 91 -6.40 -7.36 -0.73
N MET A 92 -6.32 -8.15 -1.81
CA MET A 92 -7.39 -8.15 -2.82
C MET A 92 -8.70 -8.65 -2.23
N ASP A 93 -8.64 -9.49 -1.21
CA ASP A 93 -9.84 -10.04 -0.57
C ASP A 93 -10.65 -9.01 0.17
N LYS A 94 -10.01 -7.88 0.43
CA LYS A 94 -10.54 -6.82 1.26
C LYS A 94 -10.78 -5.54 0.49
N LEU A 95 -10.46 -5.51 -0.79
CA LEU A 95 -10.61 -4.30 -1.60
C LEU A 95 -11.61 -4.60 -2.68
N GLN A 96 -11.93 -3.56 -3.46
CA GLN A 96 -12.85 -3.66 -4.59
C GLN A 96 -12.36 -2.72 -5.67
N ALA A 97 -12.54 -3.12 -6.92
CA ALA A 97 -12.07 -2.30 -8.05
C ALA A 97 -13.24 -1.82 -8.86
N TYR A 98 -13.11 -0.58 -9.30
CA TYR A 98 -14.06 -0.02 -10.20
C TYR A 98 -13.24 0.54 -11.34
N GLN A 99 -13.38 -0.12 -12.50
CA GLN A 99 -12.76 0.35 -13.73
C GLN A 99 -13.71 1.29 -14.40
N LEU A 100 -13.25 2.50 -14.71
CA LEU A 100 -14.08 3.50 -15.37
C LEU A 100 -14.49 3.04 -16.78
N GLY A 101 -15.55 3.66 -17.33
CA GLY A 101 -15.98 3.45 -18.73
C GLY A 101 -15.26 4.45 -19.63
N ASN A 102 -15.71 4.52 -20.89
CA ASN A 102 -14.87 5.06 -22.01
C ASN A 102 -15.16 6.51 -22.46
N SER B 2 -7.80 17.70 -16.46
CA SER B 2 -6.52 16.94 -16.42
C SER B 2 -6.81 15.43 -16.35
N GLN B 3 -7.37 15.02 -15.22
CA GLN B 3 -7.46 13.62 -14.80
C GLN B 3 -8.89 13.35 -14.30
N PRO B 4 -9.52 12.26 -14.76
CA PRO B 4 -10.93 12.14 -14.53
C PRO B 4 -11.31 11.85 -13.09
N SER B 5 -12.62 11.91 -12.86
CA SER B 5 -13.22 11.64 -11.57
C SER B 5 -14.21 10.51 -11.59
N VAL B 6 -14.40 9.97 -10.39
CA VAL B 6 -15.40 8.99 -10.06
C VAL B 6 -16.37 9.72 -9.09
N PHE B 7 -17.60 9.24 -9.01
CA PHE B 7 -18.64 9.89 -8.19
C PHE B 7 -19.31 8.90 -7.25
N GLN B 8 -19.56 9.32 -6.01
CA GLN B 8 -20.16 8.48 -4.95
C GLN B 8 -21.28 9.19 -4.16
N CYS B 9 -22.19 8.39 -3.61
CA CYS B 9 -23.24 8.90 -2.73
C CYS B 9 -22.33 9.41 -1.60
N LYS B 10 -22.70 10.56 -1.02
CA LYS B 10 -21.99 11.18 0.11
C LYS B 10 -22.29 10.40 1.42
N LYS B 11 -23.34 9.58 1.45
CA LYS B 11 -23.71 8.86 2.66
C LYS B 11 -22.91 7.57 2.77
N CYS B 12 -23.11 6.65 1.83
CA CYS B 12 -22.49 5.35 1.91
C CYS B 12 -21.19 5.18 1.10
N PHE B 13 -20.96 6.10 0.18
CA PHE B 13 -19.80 6.05 -0.70
C PHE B 13 -19.79 5.09 -1.90
N GLN B 14 -20.98 4.64 -2.28
CA GLN B 14 -21.14 3.75 -3.40
C GLN B 14 -20.94 4.55 -4.63
N ILE B 15 -20.04 4.06 -5.48
CA ILE B 15 -19.71 4.67 -6.76
C ILE B 15 -20.89 4.50 -7.71
N VAL B 16 -21.31 5.61 -8.33
CA VAL B 16 -22.47 5.62 -9.25
C VAL B 16 -22.10 5.81 -10.73
N GLY B 17 -20.91 6.35 -10.96
CA GLY B 17 -20.25 6.36 -12.28
C GLY B 17 -19.16 7.41 -12.30
N ASP B 18 -18.76 7.85 -13.50
CA ASP B 18 -17.55 8.72 -13.65
C ASP B 18 -17.63 9.78 -14.72
N SER B 19 -16.66 10.67 -14.69
CA SER B 19 -16.37 11.65 -15.74
C SER B 19 -16.57 11.23 -17.19
N ASN B 20 -16.18 10.01 -17.52
CA ASN B 20 -16.14 9.65 -18.94
C ASN B 20 -17.47 9.41 -19.61
N ALA B 21 -18.55 9.44 -18.83
CA ALA B 21 -19.90 9.43 -19.36
C ALA B 21 -20.58 10.80 -19.22
N TRP B 22 -19.81 11.85 -18.90
CA TRP B 22 -20.35 13.20 -18.74
C TRP B 22 -20.99 13.71 -20.01
N VAL B 23 -22.03 14.51 -19.82
CA VAL B 23 -22.79 15.16 -20.88
C VAL B 23 -22.76 16.68 -20.64
N ILE B 24 -23.30 17.11 -19.51
CA ILE B 24 -23.46 18.51 -19.25
C ILE B 24 -23.75 18.71 -17.75
N SER B 25 -23.55 19.91 -17.24
CA SER B 25 -24.06 20.32 -15.95
C SER B 25 -24.91 21.60 -16.00
N HIS B 26 -25.49 21.96 -14.86
CA HIS B 26 -26.42 23.06 -14.77
C HIS B 26 -26.24 23.65 -13.38
N ARG B 27 -25.39 24.66 -13.25
CA ARG B 27 -25.18 25.31 -11.96
C ARG B 27 -26.47 25.97 -11.46
N GLU B 28 -27.26 26.51 -12.37
CA GLU B 28 -28.65 26.81 -12.05
C GLU B 28 -29.27 25.82 -11.01
N TYR B 29 -29.34 24.53 -11.35
CA TYR B 29 -30.02 23.52 -10.50
C TYR B 29 -29.09 22.71 -9.60
N LEU B 30 -27.81 23.04 -9.62
CA LEU B 30 -26.79 22.31 -8.89
C LEU B 30 -26.88 20.85 -9.25
N SER B 31 -26.82 20.56 -10.55
CA SER B 31 -27.00 19.20 -11.10
C SER B 31 -25.86 18.89 -12.05
N PHE B 32 -25.73 17.62 -12.41
CA PHE B 32 -24.93 17.21 -13.59
C PHE B 32 -25.40 15.91 -14.18
N THR B 33 -25.01 15.67 -15.42
CA THR B 33 -25.68 14.66 -16.19
C THR B 33 -24.70 13.77 -16.91
N LEU B 34 -24.88 12.48 -16.70
CA LEU B 34 -24.08 11.45 -17.32
C LEU B 34 -24.97 10.65 -18.24
N SER B 35 -24.34 9.95 -19.16
CA SER B 35 -25.00 9.13 -20.13
C SER B 35 -25.05 7.73 -19.67
N ASP B 36 -24.33 7.43 -18.60
CA ASP B 36 -24.23 6.06 -18.14
C ASP B 36 -23.88 6.01 -16.67
N ALA B 37 -24.22 4.89 -16.06
CA ALA B 37 -24.10 4.74 -14.63
C ALA B 37 -24.17 3.28 -14.28
N VAL B 38 -23.65 2.95 -13.11
CA VAL B 38 -23.52 1.59 -12.67
C VAL B 38 -24.91 1.05 -12.34
N GLU B 39 -25.40 0.08 -13.13
CA GLU B 39 -26.82 -0.38 -13.05
C GLU B 39 -27.24 -0.69 -11.62
N ASN B 40 -26.41 -1.50 -10.99
CA ASN B 40 -26.68 -2.07 -9.71
C ASN B 40 -26.57 -1.05 -8.55
N SER B 41 -25.85 0.04 -8.74
CA SER B 41 -25.71 1.04 -7.68
C SER B 41 -26.79 2.16 -7.67
N VAL B 42 -27.78 2.06 -8.54
CA VAL B 42 -28.74 3.13 -8.79
C VAL B 42 -30.12 2.57 -9.16
N ARG B 43 -31.19 3.27 -8.76
CA ARG B 43 -32.55 2.78 -9.04
C ARG B 43 -33.44 3.90 -9.47
N VAL B 44 -34.18 3.65 -10.54
CA VAL B 44 -35.11 4.62 -11.09
C VAL B 44 -36.43 4.26 -10.47
N GLU B 45 -37.02 5.20 -9.76
CA GLU B 45 -38.28 4.94 -9.08
C GLU B 45 -39.52 4.98 -10.03
N ASP B 46 -40.64 4.46 -9.55
CA ASP B 46 -41.87 4.23 -10.34
C ASP B 46 -42.64 5.43 -10.80
N THR B 47 -42.71 6.41 -9.92
CA THR B 47 -43.61 7.53 -10.01
C THR B 47 -43.04 8.62 -10.88
N PHE B 48 -43.83 9.05 -11.87
CA PHE B 48 -43.46 10.20 -12.70
C PHE B 48 -43.88 11.50 -11.98
N LYS B 49 -42.96 12.45 -11.87
CA LYS B 49 -43.14 13.65 -11.07
C LYS B 49 -42.74 14.84 -11.89
N ARG B 50 -43.13 16.04 -11.47
CA ARG B 50 -42.98 17.22 -12.33
C ARG B 50 -41.98 18.21 -11.85
N SER B 51 -41.22 18.80 -12.75
CA SER B 51 -40.34 19.89 -12.35
C SER B 51 -41.17 20.95 -11.60
N ASP B 52 -40.50 21.79 -10.81
CA ASP B 52 -41.18 22.87 -10.09
C ASP B 52 -41.89 23.82 -11.05
N ASP B 53 -41.33 24.03 -12.23
CA ASP B 53 -41.97 24.87 -13.22
C ASP B 53 -42.96 24.14 -14.13
N GLY B 54 -43.50 23.02 -13.67
CA GLY B 54 -44.50 22.28 -14.45
C GLY B 54 -44.11 21.66 -15.80
N LEU B 55 -42.96 22.03 -16.37
CA LEU B 55 -42.63 21.66 -17.74
C LEU B 55 -42.06 20.29 -18.00
N CYS B 56 -41.32 19.69 -17.05
CA CYS B 56 -40.69 18.38 -17.31
C CYS B 56 -41.25 17.34 -16.44
N VAL B 57 -40.99 16.11 -16.84
CA VAL B 57 -41.34 14.94 -16.06
C VAL B 57 -40.08 14.13 -15.80
N TYR B 58 -39.99 13.57 -14.59
CA TYR B 58 -38.87 12.79 -14.17
C TYR B 58 -39.23 11.72 -13.21
N SER B 59 -38.38 10.72 -13.13
CA SER B 59 -38.41 9.75 -12.07
C SER B 59 -37.23 9.98 -11.14
N GLU B 60 -37.46 9.84 -9.85
CA GLU B 60 -36.39 9.91 -8.86
C GLU B 60 -35.31 8.83 -9.06
N LEU B 61 -34.06 9.17 -8.75
CA LEU B 61 -32.93 8.17 -8.69
C LEU B 61 -32.54 7.87 -7.26
N SER B 62 -32.49 6.60 -6.85
CA SER B 62 -32.01 6.24 -5.49
C SER B 62 -30.67 5.46 -5.49
N CYS B 63 -29.85 5.65 -4.46
CA CYS B 63 -28.65 4.85 -4.27
C CYS B 63 -29.08 3.51 -3.68
N THR B 64 -28.71 2.43 -4.35
CA THR B 64 -29.21 1.08 -3.97
C THR B 64 -28.72 0.59 -2.61
N ARG B 65 -27.80 1.32 -1.97
CA ARG B 65 -27.25 0.94 -0.69
C ARG B 65 -27.88 1.71 0.45
N CYS B 66 -28.01 3.03 0.32
CA CYS B 66 -28.58 3.85 1.38
C CYS B 66 -29.98 4.41 1.07
N ASN B 67 -30.45 4.18 -0.15
CA ASN B 67 -31.80 4.69 -0.58
C ASN B 67 -32.09 6.19 -0.57
N GLU B 68 -31.06 6.99 -0.46
CA GLU B 68 -31.11 8.38 -0.73
C GLU B 68 -31.55 8.66 -2.17
N VAL B 69 -32.36 9.68 -2.33
CA VAL B 69 -32.70 10.17 -3.61
C VAL B 69 -31.56 11.09 -3.93
N ILE B 70 -30.85 10.78 -5.01
CA ILE B 70 -29.58 11.43 -5.37
C ILE B 70 -29.66 12.03 -6.75
N GLY B 71 -30.80 11.91 -7.41
CA GLY B 71 -30.88 12.38 -8.76
C GLY B 71 -32.27 12.26 -9.28
N LYS B 72 -32.36 12.29 -10.61
CA LYS B 72 -33.59 12.27 -11.34
C LYS B 72 -33.23 11.73 -12.71
N VAL B 73 -34.14 10.99 -13.34
CA VAL B 73 -34.07 10.74 -14.79
C VAL B 73 -35.23 11.41 -15.52
N TYR B 74 -34.91 12.44 -16.27
CA TYR B 74 -35.90 13.20 -17.02
C TYR B 74 -36.43 12.39 -18.20
N ASN B 75 -37.74 12.16 -18.21
CA ASN B 75 -38.42 11.39 -19.26
C ASN B 75 -39.09 12.21 -20.34
N SER B 76 -39.60 13.40 -19.96
CA SER B 76 -40.26 14.32 -20.88
C SER B 76 -39.66 15.65 -20.74
N THR B 77 -39.31 16.22 -21.88
CA THR B 77 -38.67 17.49 -21.91
C THR B 77 -39.19 18.32 -23.08
N PRO B 78 -39.03 19.64 -22.97
CA PRO B 78 -39.09 20.46 -24.17
C PRO B 78 -37.83 20.25 -25.00
N ILE B 79 -37.87 20.70 -26.26
CA ILE B 79 -36.69 20.63 -27.16
C ILE B 79 -35.36 20.95 -26.48
N TYR B 80 -35.32 22.07 -25.78
CA TYR B 80 -34.08 22.61 -25.29
C TYR B 80 -33.40 21.79 -24.20
N LEU B 81 -34.17 20.93 -23.50
CA LEU B 81 -33.64 19.95 -22.54
C LEU B 81 -33.64 18.53 -23.09
N ASP B 82 -33.61 18.34 -24.39
CA ASP B 82 -33.44 16.98 -24.95
C ASP B 82 -32.12 16.30 -24.54
N ASP B 83 -31.01 17.05 -24.46
CA ASP B 83 -29.72 16.46 -24.02
C ASP B 83 -29.76 15.75 -22.65
N ILE B 84 -30.63 16.20 -21.76
CA ILE B 84 -30.88 15.61 -20.43
C ILE B 84 -31.78 14.35 -20.47
N ARG B 85 -32.54 14.20 -21.53
CA ARG B 85 -33.68 13.30 -21.46
C ARG B 85 -33.19 11.87 -21.47
N ASP B 86 -33.70 11.06 -20.55
CA ASP B 86 -33.27 9.66 -20.39
C ASP B 86 -31.77 9.51 -20.10
N MET B 87 -31.19 10.53 -19.50
CA MET B 87 -29.88 10.49 -18.97
C MET B 87 -30.04 10.58 -17.47
N TYR B 88 -28.95 10.21 -16.82
CA TYR B 88 -28.83 10.24 -15.37
C TYR B 88 -28.41 11.59 -14.93
N THR B 89 -29.33 12.35 -14.35
CA THR B 89 -29.07 13.70 -13.92
C THR B 89 -29.01 13.80 -12.38
N PHE B 90 -27.80 13.95 -11.85
CA PHE B 90 -27.52 13.89 -10.41
C PHE B 90 -27.40 15.24 -9.72
N SER B 91 -27.78 15.25 -8.46
CA SER B 91 -27.66 16.41 -7.61
C SER B 91 -26.28 16.51 -6.98
N MET B 92 -25.60 17.62 -7.23
CA MET B 92 -24.26 17.87 -6.67
C MET B 92 -24.14 17.71 -5.15
N ASP B 93 -25.19 18.09 -4.42
CA ASP B 93 -25.24 18.07 -2.93
C ASP B 93 -25.33 16.69 -2.36
N LYS B 94 -25.66 15.71 -3.20
CA LYS B 94 -25.83 14.35 -2.77
C LYS B 94 -24.68 13.49 -3.12
N LEU B 95 -23.69 14.06 -3.80
CA LEU B 95 -22.54 13.33 -4.33
C LEU B 95 -21.21 13.98 -3.93
N GLN B 96 -20.17 13.20 -4.16
CA GLN B 96 -18.81 13.49 -3.84
C GLN B 96 -18.07 13.07 -5.06
N ALA B 97 -17.07 13.84 -5.45
CA ALA B 97 -16.23 13.39 -6.52
C ALA B 97 -14.88 13.06 -5.93
N TYR B 98 -14.27 12.01 -6.48
CA TYR B 98 -12.90 11.71 -6.22
C TYR B 98 -12.17 11.85 -7.54
N GLN B 99 -11.15 12.72 -7.59
CA GLN B 99 -10.27 12.81 -8.76
C GLN B 99 -9.01 11.95 -8.61
N LEU B 100 -8.63 11.24 -9.68
CA LEU B 100 -7.51 10.27 -9.65
C LEU B 100 -6.05 10.77 -9.45
N GLY B 101 -5.75 12.03 -9.75
CA GLY B 101 -4.35 12.53 -9.63
C GLY B 101 -3.26 11.56 -10.10
N GLN C 3 47.16 1.86 9.44
CA GLN C 3 47.86 0.81 10.25
C GLN C 3 46.93 -0.43 10.50
N PRO C 4 46.66 -1.27 9.46
CA PRO C 4 45.54 -2.24 9.44
C PRO C 4 45.40 -3.16 10.63
N SER C 5 44.21 -3.73 10.78
CA SER C 5 43.95 -4.74 11.80
C SER C 5 43.38 -5.98 11.18
N VAL C 6 43.37 -7.04 11.98
CA VAL C 6 42.98 -8.38 11.57
C VAL C 6 42.17 -9.00 12.74
N PHE C 7 41.12 -9.76 12.43
CA PHE C 7 40.13 -10.12 13.44
C PHE C 7 40.00 -11.65 13.62
N GLN C 8 39.92 -12.13 14.87
CA GLN C 8 39.81 -13.58 15.09
C GLN C 8 38.89 -14.07 16.24
N CYS C 9 38.30 -15.24 16.01
CA CYS C 9 37.49 -15.93 17.00
C CYS C 9 38.24 -16.08 18.31
N LYS C 10 37.82 -15.30 19.29
CA LYS C 10 38.42 -15.25 20.65
C LYS C 10 38.65 -16.63 21.29
N LYS C 11 37.90 -17.63 20.83
CA LYS C 11 37.99 -18.99 21.32
C LYS C 11 39.02 -19.83 20.55
N CYS C 12 38.91 -19.92 19.23
CA CYS C 12 39.78 -20.80 18.45
C CYS C 12 40.94 -20.08 17.79
N PHE C 13 40.84 -18.76 17.72
CA PHE C 13 41.86 -17.90 17.09
C PHE C 13 41.90 -17.92 15.55
N GLN C 14 41.02 -18.66 14.89
CA GLN C 14 40.85 -18.55 13.44
C GLN C 14 40.62 -17.09 13.03
N ILE C 15 41.27 -16.71 11.93
CA ILE C 15 41.06 -15.40 11.36
C ILE C 15 39.89 -15.53 10.43
N VAL C 16 39.02 -14.52 10.56
CA VAL C 16 37.75 -14.43 9.85
C VAL C 16 37.73 -13.28 8.84
N GLY C 17 38.49 -12.20 9.09
CA GLY C 17 38.65 -11.10 8.13
C GLY C 17 39.32 -9.90 8.77
N ASP C 18 39.56 -8.87 7.98
CA ASP C 18 40.45 -7.75 8.36
C ASP C 18 39.83 -6.36 8.15
N SER C 19 40.49 -5.33 8.65
CA SER C 19 39.89 -3.99 8.66
C SER C 19 39.78 -3.32 7.30
N ASN C 20 40.15 -3.99 6.21
CA ASN C 20 40.02 -3.37 4.87
C ASN C 20 38.73 -3.74 4.14
N ALA C 21 37.96 -4.69 4.68
CA ALA C 21 36.55 -4.88 4.26
C ALA C 21 35.55 -4.03 5.09
N TRP C 22 36.06 -3.27 6.07
CA TRP C 22 35.28 -2.48 7.04
C TRP C 22 34.25 -1.63 6.35
N VAL C 23 33.08 -1.56 7.02
CA VAL C 23 31.91 -0.82 6.56
C VAL C 23 31.57 0.24 7.60
N ILE C 24 31.26 -0.19 8.83
CA ILE C 24 30.88 0.73 9.94
C ILE C 24 30.83 -0.03 11.28
N SER C 25 31.00 0.71 12.37
CA SER C 25 30.83 0.17 13.71
C SER C 25 29.51 0.63 14.38
N HIS C 26 29.10 -0.10 15.41
CA HIS C 26 28.02 0.33 16.29
C HIS C 26 28.42 0.14 17.75
N ARG C 27 28.95 1.20 18.33
CA ARG C 27 29.34 1.28 19.76
C ARG C 27 28.20 0.86 20.67
N GLU C 28 27.02 1.42 20.40
CA GLU C 28 25.82 1.08 21.14
C GLU C 28 25.43 -0.42 21.06
N TYR C 29 25.78 -1.07 19.95
CA TYR C 29 25.63 -2.52 19.79
C TYR C 29 26.91 -3.35 19.91
N LEU C 30 28.08 -2.73 20.09
CA LEU C 30 29.35 -3.46 20.30
C LEU C 30 29.63 -4.41 19.11
N SER C 31 29.28 -3.91 17.93
CA SER C 31 29.35 -4.65 16.70
C SER C 31 30.24 -3.88 15.77
N PHE C 32 30.71 -4.57 14.74
CA PHE C 32 31.20 -3.90 13.54
C PHE C 32 30.93 -4.80 12.35
N THR C 33 30.97 -4.20 11.18
CA THR C 33 30.43 -4.85 10.02
C THR C 33 31.44 -4.78 8.89
N LEU C 34 31.57 -5.90 8.19
CA LEU C 34 32.58 -6.10 7.17
C LEU C 34 31.89 -6.53 5.88
N SER C 35 32.29 -5.97 4.72
CA SER C 35 31.83 -6.45 3.41
C SER C 35 32.28 -7.86 3.03
N ASP C 36 33.32 -8.36 3.68
CA ASP C 36 33.91 -9.62 3.31
C ASP C 36 34.58 -10.33 4.51
N ALA C 37 34.53 -11.65 4.44
CA ALA C 37 35.15 -12.52 5.42
C ALA C 37 36.06 -13.50 4.68
N VAL C 38 36.72 -14.37 5.43
CA VAL C 38 37.66 -15.29 4.84
C VAL C 38 36.86 -16.45 4.23
N GLU C 39 37.31 -16.94 3.07
CA GLU C 39 36.67 -18.11 2.47
C GLU C 39 36.67 -19.24 3.51
N ASN C 40 35.48 -19.80 3.74
CA ASN C 40 35.27 -20.93 4.65
C ASN C 40 35.56 -20.69 6.13
N SER C 41 35.82 -19.44 6.56
CA SER C 41 36.04 -19.16 8.02
C SER C 41 34.76 -19.18 8.90
N VAL C 42 33.61 -19.03 8.24
CA VAL C 42 32.34 -18.66 8.88
C VAL C 42 31.15 -19.32 8.20
N ARG C 43 30.16 -19.70 9.00
CA ARG C 43 28.88 -20.23 8.52
C ARG C 43 27.73 -19.30 8.91
N VAL C 44 26.80 -19.12 7.97
CA VAL C 44 25.55 -18.38 8.17
C VAL C 44 24.46 -19.40 8.52
N GLU C 45 23.84 -19.27 9.69
CA GLU C 45 22.88 -20.27 10.14
C GLU C 45 21.52 -20.17 9.40
N ASP C 46 20.71 -21.22 9.52
CA ASP C 46 19.47 -21.39 8.75
C ASP C 46 18.33 -20.53 9.28
N THR C 47 18.05 -20.69 10.58
CA THR C 47 17.12 -19.84 11.33
C THR C 47 17.28 -18.32 11.07
N PHE C 48 16.14 -17.69 10.78
CA PHE C 48 16.03 -16.26 10.59
C PHE C 48 15.42 -15.72 11.86
N LYS C 49 15.99 -14.66 12.41
CA LYS C 49 15.53 -14.17 13.73
C LYS C 49 15.42 -12.66 13.66
N ARG C 50 14.86 -12.07 14.72
CA ARG C 50 14.58 -10.63 14.74
C ARG C 50 15.36 -9.83 15.75
N SER C 51 15.64 -8.59 15.37
CA SER C 51 16.24 -7.61 16.25
C SER C 51 15.39 -7.49 17.52
N ASP C 52 16.01 -7.05 18.62
CA ASP C 52 15.24 -6.81 19.84
C ASP C 52 14.17 -5.73 19.61
N ASP C 53 14.43 -4.78 18.71
CA ASP C 53 13.41 -3.79 18.35
C ASP C 53 12.40 -4.25 17.27
N GLY C 54 12.41 -5.54 16.92
CA GLY C 54 11.45 -6.09 15.96
C GLY C 54 11.64 -5.72 14.51
N LEU C 55 12.50 -4.75 14.22
CA LEU C 55 12.64 -4.19 12.88
C LEU C 55 13.53 -5.00 11.87
N CYS C 56 14.51 -5.78 12.33
CA CYS C 56 15.42 -6.46 11.37
C CYS C 56 15.25 -7.92 11.45
N VAL C 57 15.69 -8.60 10.41
CA VAL C 57 15.84 -10.05 10.45
C VAL C 57 17.31 -10.39 10.18
N TYR C 58 17.90 -11.18 11.07
CA TYR C 58 19.26 -11.70 10.92
C TYR C 58 19.32 -13.22 11.00
N SER C 59 20.37 -13.78 10.42
CA SER C 59 20.73 -15.16 10.71
C SER C 59 22.02 -15.13 11.55
N GLU C 60 22.22 -16.16 12.37
CA GLU C 60 23.45 -16.22 13.19
C GLU C 60 24.72 -16.62 12.38
N LEU C 61 25.84 -15.96 12.72
CA LEU C 61 27.15 -16.14 12.08
C LEU C 61 28.03 -17.01 12.98
N SER C 62 28.43 -18.20 12.50
CA SER C 62 29.28 -19.12 13.31
C SER C 62 30.70 -19.36 12.74
N CYS C 63 31.65 -19.68 13.62
CA CYS C 63 33.02 -19.96 13.22
C CYS C 63 33.14 -21.41 12.75
N THR C 64 33.60 -21.60 11.53
CA THR C 64 33.73 -22.94 10.94
C THR C 64 34.78 -23.77 11.69
N ARG C 65 35.31 -23.23 12.82
CA ARG C 65 36.36 -23.88 13.58
C ARG C 65 35.79 -24.25 14.94
N CYS C 66 35.63 -23.25 15.82
CA CYS C 66 35.10 -23.50 17.16
C CYS C 66 33.59 -23.76 17.24
N ASN C 67 32.86 -23.33 16.21
CA ASN C 67 31.42 -23.57 16.15
C ASN C 67 30.82 -22.53 17.13
N GLU C 68 31.57 -21.49 17.48
CA GLU C 68 31.02 -20.44 18.30
C GLU C 68 30.15 -19.57 17.40
N VAL C 69 29.14 -18.94 18.00
CA VAL C 69 28.42 -17.87 17.35
C VAL C 69 29.23 -16.61 17.62
N ILE C 70 29.60 -15.92 16.56
CA ILE C 70 30.44 -14.70 16.64
C ILE C 70 29.82 -13.41 16.05
N GLY C 71 28.72 -13.54 15.32
CA GLY C 71 28.07 -12.39 14.69
C GLY C 71 26.70 -12.65 14.08
N LYS C 72 26.31 -11.77 13.15
CA LYS C 72 24.95 -11.76 12.56
C LYS C 72 25.03 -11.29 11.12
N VAL C 73 24.29 -11.96 10.24
CA VAL C 73 24.06 -11.43 8.88
C VAL C 73 22.60 -10.95 8.77
N TYR C 74 22.43 -9.63 8.68
CA TYR C 74 21.11 -9.01 8.58
C TYR C 74 20.58 -9.24 7.18
N ASN C 75 19.64 -10.18 7.06
CA ASN C 75 18.97 -10.50 5.79
C ASN C 75 17.94 -9.47 5.30
N SER C 76 17.37 -8.69 6.22
CA SER C 76 16.22 -7.85 5.94
C SER C 76 16.20 -6.64 6.85
N THR C 77 16.18 -5.45 6.25
CA THR C 77 16.26 -4.20 7.02
C THR C 77 15.28 -3.09 6.56
N PRO C 78 15.03 -2.11 7.46
CA PRO C 78 14.51 -0.83 7.00
C PRO C 78 15.54 -0.11 6.15
N ILE C 79 15.09 0.82 5.30
CA ILE C 79 16.01 1.67 4.52
C ILE C 79 17.22 2.13 5.30
N TYR C 80 17.05 2.55 6.55
CA TYR C 80 18.14 3.23 7.26
C TYR C 80 19.27 2.28 7.79
N LEU C 81 19.16 0.96 7.55
CA LEU C 81 20.23 -0.01 7.83
C LEU C 81 20.52 -0.90 6.62
N ASP C 82 20.38 -0.38 5.40
CA ASP C 82 20.66 -1.15 4.17
C ASP C 82 22.15 -1.48 4.03
N ASP C 83 23.02 -0.57 4.45
CA ASP C 83 24.47 -0.86 4.35
C ASP C 83 25.01 -1.90 5.39
N ILE C 84 24.19 -2.28 6.35
CA ILE C 84 24.39 -3.46 7.20
C ILE C 84 23.95 -4.73 6.46
N ARG C 85 23.23 -4.57 5.36
CA ARG C 85 22.34 -5.62 4.95
C ARG C 85 23.15 -6.51 4.08
N ASP C 86 23.11 -7.79 4.41
CA ASP C 86 23.87 -8.82 3.71
C ASP C 86 25.40 -8.72 3.88
N MET C 87 25.83 -7.94 4.87
CA MET C 87 27.18 -7.89 5.28
C MET C 87 27.29 -8.76 6.54
N TYR C 88 28.53 -8.86 7.01
CA TYR C 88 28.90 -9.65 8.17
C TYR C 88 29.00 -8.69 9.35
N THR C 89 28.20 -8.95 10.39
CA THR C 89 28.14 -8.04 11.53
C THR C 89 28.59 -8.81 12.77
N PHE C 90 29.82 -8.53 13.19
CA PHE C 90 30.54 -9.23 14.24
C PHE C 90 30.37 -8.57 15.61
N SER C 91 30.13 -9.39 16.63
CA SER C 91 30.12 -8.95 18.03
C SER C 91 31.56 -8.87 18.58
N MET C 92 31.97 -7.69 19.05
CA MET C 92 33.34 -7.49 19.55
C MET C 92 33.62 -8.38 20.75
N ASP C 93 32.68 -8.42 21.70
CA ASP C 93 32.65 -9.41 22.79
C ASP C 93 33.23 -10.80 22.38
N LYS C 94 32.93 -11.21 21.14
CA LYS C 94 33.27 -12.54 20.62
C LYS C 94 34.54 -12.64 19.76
N LEU C 95 35.24 -11.52 19.59
CA LEU C 95 36.36 -11.43 18.65
C LEU C 95 37.63 -10.87 19.27
N GLN C 96 38.70 -10.92 18.49
CA GLN C 96 39.95 -10.28 18.86
C GLN C 96 40.65 -9.60 17.70
N ALA C 97 41.04 -8.35 17.95
CA ALA C 97 41.77 -7.53 17.00
C ALA C 97 43.26 -7.72 17.21
N TYR C 98 43.97 -8.03 16.15
CA TYR C 98 45.41 -7.84 16.12
C TYR C 98 45.70 -6.79 15.02
N GLN C 99 46.44 -5.76 15.41
CA GLN C 99 46.86 -4.69 14.54
C GLN C 99 48.34 -4.90 14.24
N LEU C 100 48.78 -4.34 13.13
CA LEU C 100 50.12 -4.58 12.65
C LEU C 100 51.10 -3.56 13.25
N GLY C 101 52.38 -3.95 13.35
CA GLY C 101 53.47 -3.04 13.72
C GLY C 101 54.03 -2.43 12.44
N ASN C 102 55.02 -1.54 12.60
CA ASN C 102 55.53 -0.77 11.46
C ASN C 102 56.44 -1.57 10.55
#